data_6H6W
#
_entry.id   6H6W
#
_cell.length_a   114.270
_cell.length_b   114.270
_cell.length_c   234.140
_cell.angle_alpha   90.00
_cell.angle_beta   90.00
_cell.angle_gamma   120.00
#
_symmetry.space_group_name_H-M   'P 63 2 2'
#
loop_
_entity.id
_entity.type
_entity.pdbx_description
1 polymer 'Molybdenum storage protein subunit beta'
2 polymer 'Molybdenum storage protein subunit alpha'
3 non-polymer "ADENOSINE-5'-TRIPHOSPHATE"
4 non-polymer 'Mo5 Cluster'
5 non-polymer 'PHOSPHATE ION'
6 non-polymer 'MAGNESIUM ION'
7 non-polymer 'bis(mu4-oxo)-tetrakis(mu3-oxo)-hexakis(mu2-oxo)-hexadecaoxo-octamolybdenum (VI)'
8 non-polymer 'MOLYBDATE ION'
9 non-polymer 'MOLYBDENUM ATOM'
10 water water
#
loop_
_entity_poly.entity_id
_entity_poly.type
_entity_poly.pdbx_seq_one_letter_code
_entity_poly.pdbx_strand_id
1 'polypeptide(L)'
;ANSTAELEELLMQRSLTDPQLQAAAAAAADFRILPDATVIKIGGQSVIDRGRAAVYPLVDEIVAARKNHKLLIGTGAGTR
ARHLYSIAAGLGLPAGVLAQLGSSVADQNAAMLGQLLAKHGIPVVGGAGLSAVPLSLAEVNAVVFSGMPPYKLWMRPAAE
GVIPPYRTDAGCFLLAEQFGCKQMIFVKDEDGLYTANPKTSKDATFIPRISVDEMKAKGLHDSILEFPVLDLLQSAQHVR
EVQVVNGLVPGNLTRALAGEHVGTIITAS
;
B
2 'polypeptide(L)'
;TDTTNSIKHVISPLARQTLQDRDLTRPVAGKRPIRLLPWLQVVKIGGRVMDRGADAILPLVEELRKLLPEHRLLILTGAG
VRARHVFSVGLDLGLPVGSLAPLAASEAGQNGHILAAMLASEGVSYVEHPTVADQLAIHLSATRAVVGSAFPPYAHHEFP
GSRIPPHRADTGAFLLADAFGAAGLTIVENVDGIYTADPNGPDRGQARFLPETSATDLAKSEGPLPVDRALLDVMATARH
IERVQVVNGLVPGRLTAALRGEHVGTLIRTGVRPA
;
A
#
loop_
_chem_comp.id
_chem_comp.type
_chem_comp.name
_chem_comp.formula
8M0 non-polymer 'bis(mu4-oxo)-tetrakis(mu3-oxo)-hexakis(mu2-oxo)-hexadecaoxo-octamolybdenum (VI)' 'Mo8 O28 -8'
ATP non-polymer ADENOSINE-5'-TRIPHOSPHATE 'C10 H16 N5 O13 P3'
FUQ non-polymer 'Mo5 Cluster' 'H20 Mo5 O25'
MG non-polymer 'MAGNESIUM ION' 'Mg 2'
MO non-polymer 'MOLYBDENUM ATOM' Mo
MOO non-polymer 'MOLYBDATE ION' 'Mo O4 -2'
PO4 non-polymer 'PHOSPHATE ION' 'O4 P -3'
#
# COMPACT_ATOMS: atom_id res chain seq x y z
N ASN A 2 21.35 21.14 3.28
CA ASN A 2 20.84 20.31 2.19
C ASN A 2 21.20 20.87 0.82
N SER A 3 21.06 20.03 -0.20
CA SER A 3 21.23 20.40 -1.60
C SER A 3 20.76 19.22 -2.45
N THR A 4 20.43 19.51 -3.71
CA THR A 4 20.11 18.45 -4.66
C THR A 4 21.27 17.47 -4.79
N ALA A 5 22.50 17.99 -4.83
CA ALA A 5 23.66 17.12 -5.00
C ALA A 5 23.88 16.21 -3.79
N GLU A 6 23.73 16.75 -2.57
CA GLU A 6 23.88 15.91 -1.38
C GLU A 6 22.78 14.85 -1.32
N LEU A 7 21.54 15.24 -1.68
CA LEU A 7 20.46 14.27 -1.71
C LEU A 7 20.71 13.21 -2.78
N GLU A 8 21.12 13.63 -3.98
CA GLU A 8 21.33 12.63 -5.02
C GLU A 8 22.50 11.71 -4.67
N GLU A 9 23.51 12.22 -3.99
CA GLU A 9 24.62 11.38 -3.55
C GLU A 9 24.16 10.31 -2.57
N LEU A 10 23.39 10.72 -1.54
CA LEU A 10 22.79 9.76 -0.63
C LEU A 10 21.91 8.76 -1.36
N LEU A 11 21.08 9.25 -2.28
CA LEU A 11 20.17 8.38 -3.02
C LEU A 11 20.92 7.32 -3.83
N MET A 12 22.11 7.64 -4.33
CA MET A 12 22.89 6.63 -5.04
C MET A 12 23.61 5.69 -4.10
N GLN A 13 24.14 6.20 -2.99
CA GLN A 13 25.14 5.44 -2.24
C GLN A 13 24.61 4.75 -0.99
N ARG A 14 23.41 5.07 -0.53
CA ARG A 14 22.91 4.48 0.70
C ARG A 14 21.69 3.62 0.39
N SER A 15 21.37 2.74 1.33
CA SER A 15 20.07 2.11 1.31
C SER A 15 19.00 3.19 1.51
N LEU A 16 17.82 2.96 0.91
CA LEU A 16 16.69 3.85 1.19
C LEU A 16 16.31 3.85 2.66
N THR A 17 16.71 2.80 3.42
CA THR A 17 16.47 2.76 4.87
C THR A 17 17.41 3.66 5.66
N ASP A 18 18.40 4.26 5.02
CA ASP A 18 19.40 5.01 5.76
C ASP A 18 18.76 6.28 6.33
N PRO A 19 18.84 6.52 7.64
CA PRO A 19 18.20 7.73 8.22
C PRO A 19 18.68 9.02 7.60
N GLN A 20 19.94 9.10 7.19
CA GLN A 20 20.48 10.30 6.57
C GLN A 20 19.81 10.58 5.23
N LEU A 21 19.59 9.53 4.44
CA LEU A 21 18.85 9.68 3.19
C LEU A 21 17.41 10.08 3.48
N GLN A 22 16.76 9.37 4.39
CA GLN A 22 15.39 9.69 4.75
C GLN A 22 15.27 11.17 5.13
N ALA A 23 16.24 11.68 5.87
CA ALA A 23 16.15 13.07 6.34
C ALA A 23 16.39 14.06 5.20
N ALA A 24 17.35 13.77 4.31
CA ALA A 24 17.56 14.64 3.14
C ALA A 24 16.35 14.65 2.22
N ALA A 25 15.70 13.49 2.05
CA ALA A 25 14.50 13.46 1.21
C ALA A 25 13.37 14.29 1.82
N ALA A 26 13.30 14.34 3.15
CA ALA A 26 12.24 15.12 3.80
C ALA A 26 12.36 16.61 3.53
N ALA A 27 13.54 17.10 3.16
CA ALA A 27 13.70 18.51 2.88
C ALA A 27 13.31 18.89 1.45
N ALA A 28 12.90 17.93 0.63
CA ALA A 28 12.53 18.23 -0.75
C ALA A 28 11.34 19.17 -0.80
N ALA A 29 11.25 19.95 -1.88
CA ALA A 29 10.08 20.81 -2.04
C ALA A 29 8.81 19.97 -2.09
N ASP A 30 7.69 20.64 -1.84
CA ASP A 30 6.42 19.95 -1.70
C ASP A 30 5.44 20.49 -2.74
N PHE A 31 5.20 19.72 -3.80
CA PHE A 31 4.24 20.10 -4.83
C PHE A 31 2.87 19.48 -4.54
N ARG A 32 1.83 20.31 -4.55
CA ARG A 32 0.44 19.83 -4.44
C ARG A 32 -0.14 19.67 -5.84
N ILE A 33 -0.64 18.49 -6.14
CA ILE A 33 -1.05 18.23 -7.51
C ILE A 33 -2.41 18.85 -7.83
N LEU A 34 -3.38 18.73 -6.91
CA LEU A 34 -4.73 19.30 -7.13
C LEU A 34 -5.08 20.13 -5.90
N PRO A 35 -4.35 21.23 -5.68
CA PRO A 35 -4.48 21.94 -4.40
C PRO A 35 -5.85 22.57 -4.19
N ASP A 36 -6.63 22.79 -5.25
CA ASP A 36 -7.91 23.47 -5.14
C ASP A 36 -9.07 22.50 -5.03
N ALA A 37 -8.80 21.20 -5.01
CA ALA A 37 -9.85 20.21 -5.02
C ALA A 37 -10.20 19.77 -3.61
N THR A 38 -11.45 19.32 -3.45
CA THR A 38 -11.91 18.76 -2.20
C THR A 38 -12.24 17.30 -2.45
N VAL A 39 -11.75 16.42 -1.57
CA VAL A 39 -12.17 15.02 -1.64
C VAL A 39 -13.32 14.80 -0.67
N ILE A 40 -14.35 14.16 -1.16
CA ILE A 40 -15.54 13.84 -0.38
CA ILE A 40 -15.54 13.85 -0.39
C ILE A 40 -15.74 12.35 -0.44
N LYS A 41 -16.00 11.74 0.70
CA LYS A 41 -16.33 10.32 0.68
C LYS A 41 -17.81 10.18 1.00
N ILE A 42 -18.54 9.49 0.13
CA ILE A 42 -19.96 9.21 0.34
C ILE A 42 -20.06 7.80 0.94
N GLY A 43 -20.54 7.70 2.17
CA GLY A 43 -20.49 6.40 2.85
C GLY A 43 -21.32 5.34 2.15
N GLY A 44 -20.83 4.10 2.20
CA GLY A 44 -21.61 3.03 1.60
C GLY A 44 -22.73 2.63 2.52
N GLN A 45 -22.39 2.18 3.73
CA GLN A 45 -23.45 1.79 4.66
C GLN A 45 -24.25 3.01 5.10
N SER A 46 -23.59 4.13 5.26
CA SER A 46 -24.29 5.24 5.88
C SER A 46 -25.12 6.05 4.89
N VAL A 47 -24.81 6.00 3.60
CA VAL A 47 -25.55 6.79 2.61
C VAL A 47 -26.10 5.94 1.46
N ILE A 48 -25.22 5.36 0.64
CA ILE A 48 -25.67 4.79 -0.63
C ILE A 48 -26.57 3.57 -0.39
N ASP A 49 -26.24 2.72 0.59
CA ASP A 49 -27.12 1.60 0.95
C ASP A 49 -28.53 2.06 1.32
N ARG A 50 -28.71 3.32 1.70
CA ARG A 50 -30.05 3.75 2.09
C ARG A 50 -30.91 4.14 0.90
N GLY A 51 -30.34 4.15 -0.30
CA GLY A 51 -31.17 4.38 -1.47
C GLY A 51 -31.52 5.85 -1.67
N ARG A 52 -32.67 6.04 -2.31
CA ARG A 52 -33.03 7.33 -2.90
C ARG A 52 -33.11 8.46 -1.87
N ALA A 53 -33.73 8.20 -0.72
CA ALA A 53 -33.95 9.29 0.24
C ALA A 53 -32.64 9.94 0.68
N ALA A 54 -31.55 9.17 0.71
CA ALA A 54 -30.24 9.68 1.07
C ALA A 54 -29.45 10.15 -0.14
N VAL A 55 -29.52 9.40 -1.24
CA VAL A 55 -28.64 9.65 -2.37
C VAL A 55 -29.12 10.85 -3.19
N TYR A 56 -30.43 10.93 -3.47
CA TYR A 56 -30.91 11.99 -4.36
C TYR A 56 -30.61 13.37 -3.82
N PRO A 57 -30.82 13.67 -2.53
CA PRO A 57 -30.45 15.02 -2.06
C PRO A 57 -28.96 15.30 -2.20
N LEU A 58 -28.10 14.28 -2.01
CA LEU A 58 -26.66 14.49 -2.15
C LEU A 58 -26.28 14.70 -3.61
N VAL A 59 -26.97 14.02 -4.52
CA VAL A 59 -26.76 14.30 -5.93
C VAL A 59 -27.06 15.76 -6.22
N ASP A 60 -28.17 16.27 -5.70
CA ASP A 60 -28.51 17.69 -5.91
C ASP A 60 -27.41 18.61 -5.37
N GLU A 61 -26.87 18.29 -4.20
CA GLU A 61 -25.81 19.11 -3.61
C GLU A 61 -24.53 19.05 -4.44
N ILE A 62 -24.17 17.87 -4.91
CA ILE A 62 -23.00 17.72 -5.75
C ILE A 62 -23.14 18.59 -6.99
N VAL A 63 -24.32 18.53 -7.62
CA VAL A 63 -24.57 19.30 -8.84
C VAL A 63 -24.48 20.79 -8.57
N ALA A 64 -25.04 21.23 -7.44
CA ALA A 64 -24.98 22.66 -7.12
C ALA A 64 -23.58 23.09 -6.71
N ALA A 65 -22.87 22.21 -6.01
CA ALA A 65 -21.54 22.53 -5.49
C ALA A 65 -20.50 22.60 -6.59
N ARG A 66 -20.66 21.80 -7.62
CA ARG A 66 -19.55 21.77 -8.56
C ARG A 66 -19.47 23.07 -9.36
N LYS A 67 -20.44 23.98 -9.21
CA LYS A 67 -20.32 25.29 -9.82
C LYS A 67 -19.17 26.10 -9.23
N ASN A 68 -18.93 26.00 -7.93
CA ASN A 68 -17.90 26.78 -7.24
C ASN A 68 -16.84 25.93 -6.55
N HIS A 69 -16.85 24.61 -6.73
CA HIS A 69 -15.94 23.76 -6.00
C HIS A 69 -15.52 22.61 -6.89
N LYS A 70 -14.25 22.26 -6.86
CA LYS A 70 -13.75 21.09 -7.57
C LYS A 70 -13.79 19.90 -6.63
N LEU A 71 -14.42 18.80 -7.07
CA LEU A 71 -14.75 17.73 -6.15
C LEU A 71 -14.25 16.40 -6.67
N LEU A 72 -13.62 15.63 -5.80
CA LEU A 72 -13.36 14.21 -6.06
CA LEU A 72 -13.38 14.21 -6.08
C LEU A 72 -14.25 13.42 -5.11
N ILE A 73 -15.20 12.67 -5.64
CA ILE A 73 -16.26 12.07 -4.83
C ILE A 73 -16.00 10.56 -4.81
N GLY A 74 -15.55 10.02 -3.69
CA GLY A 74 -15.26 8.58 -3.60
C GLY A 74 -16.40 7.88 -2.88
N THR A 75 -16.64 6.62 -3.20
CA THR A 75 -17.76 5.90 -2.62
C THR A 75 -17.26 4.86 -1.62
N GLY A 76 -18.03 4.66 -0.55
CA GLY A 76 -17.83 3.56 0.35
C GLY A 76 -18.45 2.29 -0.20
N ALA A 77 -18.43 1.23 0.61
CA ALA A 77 -18.83 -0.10 0.15
C ALA A 77 -20.14 -0.50 0.83
N GLY A 78 -20.13 -0.82 2.11
CA GLY A 78 -21.38 -1.00 2.80
C GLY A 78 -21.73 -2.45 3.01
N THR A 79 -23.04 -2.72 3.12
CA THR A 79 -23.46 -4.02 3.64
C THR A 79 -23.06 -5.19 2.71
N ARG A 80 -23.02 -4.99 1.39
CA ARG A 80 -22.60 -6.13 0.54
C ARG A 80 -21.14 -6.50 0.76
N ALA A 81 -20.29 -5.54 1.09
CA ALA A 81 -18.91 -5.86 1.42
C ALA A 81 -18.84 -6.60 2.75
N ARG A 82 -19.63 -6.15 3.76
CA ARG A 82 -19.67 -6.91 5.02
C ARG A 82 -20.12 -8.36 4.78
N HIS A 83 -21.07 -8.57 3.88
CA HIS A 83 -21.47 -9.94 3.59
C HIS A 83 -20.32 -10.74 2.98
N LEU A 84 -19.64 -10.17 1.98
CA LEU A 84 -18.49 -10.84 1.38
C LEU A 84 -17.42 -11.12 2.42
N TYR A 85 -17.14 -10.14 3.28
CA TYR A 85 -16.14 -10.37 4.32
C TYR A 85 -16.56 -11.54 5.20
N SER A 86 -17.85 -11.65 5.53
CA SER A 86 -18.27 -12.73 6.41
CA SER A 86 -18.26 -12.73 6.42
C SER A 86 -18.11 -14.09 5.74
N ILE A 87 -18.51 -14.19 4.46
CA ILE A 87 -18.32 -15.47 3.76
C ILE A 87 -16.83 -15.83 3.69
N ALA A 88 -16.00 -14.87 3.28
CA ALA A 88 -14.59 -15.16 3.06
C ALA A 88 -13.86 -15.41 4.36
N ALA A 89 -14.18 -14.64 5.41
CA ALA A 89 -13.56 -14.88 6.73
C ALA A 89 -13.91 -16.26 7.27
N GLY A 90 -15.15 -16.71 7.07
CA GLY A 90 -15.52 -18.04 7.54
C GLY A 90 -14.83 -19.16 6.79
N LEU A 91 -14.34 -18.88 5.60
CA LEU A 91 -13.57 -19.86 4.86
C LEU A 91 -12.09 -19.83 5.22
N GLY A 92 -11.68 -18.90 6.07
CA GLY A 92 -10.29 -18.72 6.35
C GLY A 92 -9.53 -17.95 5.30
N LEU A 93 -10.20 -17.12 4.50
CA LEU A 93 -9.41 -16.49 3.47
C LEU A 93 -8.69 -15.26 4.03
N PRO A 94 -7.55 -14.88 3.46
CA PRO A 94 -6.75 -13.80 4.07
C PRO A 94 -7.26 -12.41 3.68
N ALA A 95 -6.78 -11.42 4.45
CA ALA A 95 -7.18 -10.02 4.25
C ALA A 95 -6.97 -9.58 2.81
N GLY A 96 -5.89 -10.06 2.16
CA GLY A 96 -5.63 -9.65 0.79
C GLY A 96 -6.69 -10.10 -0.19
N VAL A 97 -7.31 -11.26 0.07
CA VAL A 97 -8.41 -11.72 -0.76
C VAL A 97 -9.67 -10.90 -0.48
N LEU A 98 -9.96 -10.62 0.80
CA LEU A 98 -11.13 -9.81 1.16
C LEU A 98 -11.02 -8.41 0.59
N ALA A 99 -9.79 -7.87 0.49
CA ALA A 99 -9.61 -6.51 -0.03
C ALA A 99 -10.22 -6.36 -1.43
N GLN A 100 -9.97 -7.33 -2.30
CA GLN A 100 -10.53 -7.28 -3.65
C GLN A 100 -12.03 -7.45 -3.64
N LEU A 101 -12.55 -8.32 -2.76
CA LEU A 101 -14.00 -8.46 -2.69
C LEU A 101 -14.65 -7.14 -2.31
N GLY A 102 -14.10 -6.46 -1.30
CA GLY A 102 -14.70 -5.18 -0.89
C GLY A 102 -14.65 -4.12 -1.97
N SER A 103 -13.60 -4.12 -2.78
CA SER A 103 -13.45 -3.11 -3.84
CA SER A 103 -13.47 -3.10 -3.81
C SER A 103 -14.58 -3.21 -4.85
N SER A 104 -14.99 -4.44 -5.18
CA SER A 104 -16.08 -4.63 -6.14
C SER A 104 -17.35 -3.95 -5.66
N VAL A 105 -17.60 -3.96 -4.35
CA VAL A 105 -18.80 -3.33 -3.83
C VAL A 105 -18.70 -1.82 -3.92
N ALA A 106 -17.54 -1.26 -3.56
CA ALA A 106 -17.36 0.18 -3.74
C ALA A 106 -17.48 0.58 -5.20
N ASP A 107 -17.01 -0.29 -6.14
CA ASP A 107 -17.20 -0.03 -7.57
C ASP A 107 -18.67 0.00 -7.95
N GLN A 108 -19.46 -0.94 -7.42
CA GLN A 108 -20.89 -0.92 -7.70
C GLN A 108 -21.49 0.42 -7.28
N ASN A 109 -21.11 0.89 -6.10
CA ASN A 109 -21.69 2.13 -5.58
C ASN A 109 -21.27 3.33 -6.42
N ALA A 110 -20.01 3.35 -6.86
CA ALA A 110 -19.56 4.42 -7.75
C ALA A 110 -20.34 4.42 -9.04
N ALA A 111 -20.62 3.23 -9.58
CA ALA A 111 -21.39 3.15 -10.83
C ALA A 111 -22.80 3.66 -10.65
N MET A 112 -23.44 3.30 -9.52
CA MET A 112 -24.80 3.79 -9.29
C MET A 112 -24.81 5.29 -9.12
N LEU A 113 -23.92 5.81 -8.29
CA LEU A 113 -23.87 7.27 -8.12
C LEU A 113 -23.51 7.96 -9.42
N GLY A 114 -22.55 7.41 -10.16
CA GLY A 114 -22.13 8.04 -11.40
C GLY A 114 -23.23 8.12 -12.44
N GLN A 115 -24.12 7.12 -12.47
CA GLN A 115 -25.19 7.15 -13.45
C GLN A 115 -26.24 8.19 -13.12
N LEU A 116 -26.41 8.49 -11.82
CA LEU A 116 -27.28 9.64 -11.47
C LEU A 116 -26.64 10.97 -11.80
N LEU A 117 -25.32 11.04 -11.94
CA LEU A 117 -24.64 12.29 -12.24
C LEU A 117 -24.27 12.43 -13.72
N ALA A 118 -24.39 11.35 -14.50
CA ALA A 118 -23.93 11.35 -15.89
C ALA A 118 -24.53 12.50 -16.71
N LYS A 119 -25.81 12.81 -16.51
CA LYS A 119 -26.39 13.84 -17.35
C LYS A 119 -25.88 15.23 -17.00
N HIS A 120 -25.22 15.36 -15.86
CA HIS A 120 -24.55 16.62 -15.50
C HIS A 120 -23.11 16.63 -15.94
N GLY A 121 -22.67 15.59 -16.65
CA GLY A 121 -21.33 15.54 -17.23
C GLY A 121 -20.27 14.91 -16.36
N ILE A 122 -20.62 14.42 -15.18
CA ILE A 122 -19.65 14.00 -14.17
C ILE A 122 -19.34 12.52 -14.40
N PRO A 123 -18.09 12.15 -14.66
CA PRO A 123 -17.78 10.76 -14.98
C PRO A 123 -17.36 9.95 -13.74
N VAL A 124 -17.42 8.64 -13.90
CA VAL A 124 -16.78 7.73 -12.97
C VAL A 124 -15.38 7.47 -13.50
N VAL A 125 -14.37 7.58 -12.65
CA VAL A 125 -12.99 7.35 -13.07
C VAL A 125 -12.39 6.31 -12.16
N GLY A 126 -11.40 5.60 -12.67
CA GLY A 126 -10.81 4.51 -11.94
C GLY A 126 -9.32 4.38 -12.18
N GLY A 127 -8.72 3.52 -11.36
CA GLY A 127 -7.27 3.44 -11.26
C GLY A 127 -6.78 3.78 -9.88
N ALA A 128 -5.59 3.27 -9.55
CA ALA A 128 -4.85 3.60 -8.33
C ALA A 128 -4.29 4.99 -8.33
N GLY A 129 -4.84 5.86 -9.20
CA GLY A 129 -4.42 7.24 -9.37
C GLY A 129 -5.41 8.08 -10.17
N LEU A 130 -5.05 8.42 -11.42
CA LEU A 130 -5.80 9.42 -12.20
C LEU A 130 -6.28 8.94 -13.56
N SER A 131 -5.58 9.48 -14.57
CA SER A 131 -5.85 9.52 -16.01
C SER A 131 -6.96 10.51 -16.31
N ALA A 132 -8.18 10.15 -15.97
CA ALA A 132 -9.33 10.95 -16.36
C ALA A 132 -9.59 12.11 -15.40
N VAL A 133 -8.86 12.19 -14.29
CA VAL A 133 -9.21 13.17 -13.25
C VAL A 133 -8.88 14.59 -13.72
N PRO A 134 -7.66 14.87 -14.23
CA PRO A 134 -7.34 16.29 -14.53
C PRO A 134 -8.30 16.92 -15.51
N LEU A 135 -8.59 16.23 -16.61
CA LEU A 135 -9.49 16.78 -17.59
C LEU A 135 -10.91 16.94 -17.03
N SER A 136 -11.41 15.92 -16.32
CA SER A 136 -12.77 16.04 -15.81
C SER A 136 -12.88 17.16 -14.79
N LEU A 137 -11.90 17.29 -13.90
CA LEU A 137 -11.96 18.37 -12.91
C LEU A 137 -11.96 19.71 -13.59
N ALA A 138 -11.15 19.87 -14.64
CA ALA A 138 -11.10 21.16 -15.30
C ALA A 138 -12.40 21.48 -16.03
N GLU A 139 -13.09 20.47 -16.56
CA GLU A 139 -14.22 20.74 -17.42
C GLU A 139 -15.56 20.70 -16.71
N VAL A 140 -15.80 19.71 -15.84
CA VAL A 140 -17.08 19.59 -15.15
C VAL A 140 -16.96 19.70 -13.64
N ASN A 141 -15.77 19.98 -13.13
CA ASN A 141 -15.48 20.27 -11.73
C ASN A 141 -15.72 19.12 -10.77
N ALA A 142 -15.96 17.91 -11.27
CA ALA A 142 -16.21 16.81 -10.34
C ALA A 142 -15.94 15.48 -11.05
N VAL A 143 -15.54 14.48 -10.26
CA VAL A 143 -15.47 13.10 -10.71
C VAL A 143 -15.94 12.21 -9.57
N VAL A 144 -16.37 11.00 -9.91
CA VAL A 144 -16.75 9.97 -8.95
C VAL A 144 -15.73 8.83 -9.06
N PHE A 145 -15.30 8.29 -7.92
CA PHE A 145 -14.35 7.18 -7.94
C PHE A 145 -14.71 6.21 -6.83
N SER A 146 -14.25 4.96 -6.98
CA SER A 146 -14.48 3.95 -5.97
C SER A 146 -13.46 4.15 -4.86
N GLY A 147 -13.91 4.04 -3.60
CA GLY A 147 -13.02 4.49 -2.55
C GLY A 147 -11.98 3.48 -2.03
N MET A 148 -12.01 2.26 -2.50
CA MET A 148 -11.22 1.22 -1.85
C MET A 148 -9.75 1.37 -2.32
N PRO A 149 -8.75 1.19 -1.46
CA PRO A 149 -7.36 1.27 -1.92
C PRO A 149 -7.05 0.08 -2.81
N PRO A 150 -6.05 0.22 -3.69
CA PRO A 150 -5.76 -0.79 -4.71
C PRO A 150 -4.87 -1.94 -4.23
N TYR A 151 -4.76 -2.16 -2.92
CA TYR A 151 -3.68 -3.01 -2.44
C TYR A 151 -3.90 -4.48 -2.78
N LYS A 152 -5.15 -4.90 -2.94
CA LYS A 152 -5.41 -6.28 -3.38
C LYS A 152 -4.75 -7.24 -2.40
N LEU A 153 -4.13 -8.29 -2.94
CA LEU A 153 -3.44 -9.29 -2.17
C LEU A 153 -2.29 -8.72 -1.37
N TRP A 154 -1.85 -7.48 -1.66
CA TRP A 154 -0.80 -6.85 -0.89
C TRP A 154 -1.33 -5.97 0.25
N MET A 155 -2.62 -6.08 0.54
CA MET A 155 -3.21 -5.37 1.67
C MET A 155 -2.48 -5.75 2.95
N ARG A 156 -2.08 -4.78 3.75
CA ARG A 156 -1.53 -5.16 5.05
C ARG A 156 -2.65 -5.64 5.96
N PRO A 157 -2.53 -6.80 6.57
CA PRO A 157 -3.59 -7.28 7.47
C PRO A 157 -3.59 -6.49 8.77
N ALA A 158 -4.74 -6.53 9.44
CA ALA A 158 -4.80 -5.98 10.79
C ALA A 158 -4.02 -6.88 11.73
N ALA A 159 -3.77 -6.39 12.95
CA ALA A 159 -3.13 -7.24 13.94
C ALA A 159 -3.96 -8.48 14.24
N GLU A 160 -5.29 -8.37 14.17
CA GLU A 160 -6.11 -9.54 14.44
C GLU A 160 -7.23 -9.60 13.40
N GLY A 161 -7.57 -10.82 12.97
CA GLY A 161 -8.66 -11.00 12.04
C GLY A 161 -8.27 -10.68 10.61
N VAL A 162 -9.19 -11.00 9.68
CA VAL A 162 -8.88 -10.90 8.25
C VAL A 162 -9.61 -9.75 7.58
N ILE A 163 -10.35 -8.94 8.32
CA ILE A 163 -10.97 -7.77 7.68
C ILE A 163 -9.89 -6.80 7.23
N PRO A 164 -9.86 -6.37 5.97
CA PRO A 164 -8.83 -5.42 5.54
C PRO A 164 -8.92 -4.16 6.39
N PRO A 165 -7.82 -3.68 6.95
CA PRO A 165 -7.90 -2.50 7.81
C PRO A 165 -7.94 -1.21 7.03
N TYR A 166 -7.52 -1.20 5.77
CA TYR A 166 -7.53 0.01 4.95
C TYR A 166 -8.69 -0.13 3.98
N ARG A 167 -9.83 0.49 4.30
CA ARG A 167 -10.93 0.38 3.37
C ARG A 167 -11.24 1.74 2.76
N THR A 168 -12.51 2.09 2.58
CA THR A 168 -12.79 3.24 1.72
C THR A 168 -12.55 4.57 2.42
N ASP A 169 -12.64 4.67 3.76
CA ASP A 169 -12.18 5.89 4.44
C ASP A 169 -10.71 6.12 4.13
N ALA A 170 -9.90 5.07 4.29
CA ALA A 170 -8.47 5.18 4.04
C ALA A 170 -8.19 5.45 2.58
N GLY A 171 -8.91 4.78 1.67
CA GLY A 171 -8.66 4.98 0.28
C GLY A 171 -8.88 6.43 -0.12
N CYS A 172 -10.00 7.01 0.31
CA CYS A 172 -10.30 8.40 -0.05
C CYS A 172 -9.33 9.35 0.61
N PHE A 173 -9.01 9.09 1.88
CA PHE A 173 -8.09 9.97 2.57
C PHE A 173 -6.75 9.99 1.87
N LEU A 174 -6.24 8.82 1.48
CA LEU A 174 -4.92 8.76 0.90
C LEU A 174 -4.87 9.48 -0.43
N LEU A 175 -5.98 9.44 -1.18
CA LEU A 175 -6.03 10.18 -2.43
C LEU A 175 -6.00 11.68 -2.16
N ALA A 176 -6.78 12.13 -1.19
CA ALA A 176 -6.73 13.56 -0.82
C ALA A 176 -5.33 13.96 -0.42
N GLU A 177 -4.67 13.09 0.34
CA GLU A 177 -3.34 13.41 0.81
C GLU A 177 -2.34 13.39 -0.32
N GLN A 178 -2.40 12.37 -1.18
CA GLN A 178 -1.37 12.30 -2.19
C GLN A 178 -1.58 13.31 -3.31
N PHE A 179 -2.81 13.76 -3.55
CA PHE A 179 -3.04 14.85 -4.48
C PHE A 179 -2.88 16.22 -3.85
N GLY A 180 -2.65 16.28 -2.54
CA GLY A 180 -2.47 17.59 -1.93
C GLY A 180 -3.71 18.45 -1.99
N CYS A 181 -4.89 17.84 -1.88
CA CYS A 181 -6.15 18.55 -1.90
C CYS A 181 -6.31 19.44 -0.67
N LYS A 182 -7.16 20.45 -0.80
CA LYS A 182 -7.29 21.40 0.31
C LYS A 182 -8.21 20.93 1.41
N GLN A 183 -8.97 19.85 1.19
CA GLN A 183 -10.05 19.55 2.13
C GLN A 183 -10.48 18.10 1.91
N MET A 184 -10.85 17.43 3.02
CA MET A 184 -11.31 16.04 3.02
C MET A 184 -12.57 15.99 3.87
N ILE A 185 -13.70 15.64 3.26
CA ILE A 185 -14.97 15.59 3.95
C ILE A 185 -15.52 14.18 3.87
N PHE A 186 -15.77 13.58 5.03
CA PHE A 186 -16.40 12.26 5.10
C PHE A 186 -17.89 12.46 5.30
N VAL A 187 -18.69 11.92 4.40
CA VAL A 187 -20.13 12.06 4.47
C VAL A 187 -20.70 10.78 5.03
N LYS A 188 -21.18 10.85 6.28
CA LYS A 188 -21.74 9.66 6.94
C LYS A 188 -23.19 9.90 7.30
N ASP A 189 -23.71 9.14 8.27
CA ASP A 189 -25.11 9.22 8.65
C ASP A 189 -25.27 9.68 10.09
N GLU A 190 -24.28 10.36 10.65
CA GLU A 190 -24.40 10.97 11.96
C GLU A 190 -23.85 12.39 11.87
N ASP A 191 -24.27 13.24 12.81
CA ASP A 191 -23.85 14.64 12.72
C ASP A 191 -22.36 14.79 12.87
N GLY A 192 -21.70 13.82 13.50
CA GLY A 192 -20.26 13.90 13.64
C GLY A 192 -19.81 12.91 14.67
N LEU A 193 -18.69 13.21 15.31
CA LEU A 193 -18.21 12.35 16.37
C LEU A 193 -18.95 12.63 17.67
N TYR A 194 -19.30 11.56 18.39
CA TYR A 194 -19.83 11.64 19.74
C TYR A 194 -18.88 10.92 20.70
N THR A 195 -19.07 11.19 22.00
CA THR A 195 -18.30 10.50 23.03
C THR A 195 -18.59 9.00 23.10
N ALA A 196 -19.64 8.52 22.44
CA ALA A 196 -19.93 7.10 22.32
C ALA A 196 -20.76 6.91 21.05
N ASN A 197 -20.92 5.66 20.62
CA ASN A 197 -21.71 5.38 19.41
C ASN A 197 -23.13 5.87 19.61
N PRO A 198 -23.57 6.90 18.89
CA PRO A 198 -24.92 7.45 19.12
C PRO A 198 -26.03 6.47 18.77
N LYS A 199 -25.76 5.44 17.95
CA LYS A 199 -26.80 4.47 17.61
C LYS A 199 -27.02 3.47 18.74
N THR A 200 -26.02 3.22 19.57
CA THR A 200 -26.14 2.26 20.66
C THR A 200 -25.97 2.88 22.04
N SER A 201 -25.91 4.20 22.15
CA SER A 201 -25.79 4.84 23.46
C SER A 201 -26.73 6.04 23.53
N LYS A 202 -27.31 6.20 24.72
CA LYS A 202 -28.43 7.09 24.95
C LYS A 202 -27.99 8.55 24.93
N ASP A 203 -26.98 8.87 25.74
CA ASP A 203 -26.60 10.24 26.04
C ASP A 203 -25.15 10.52 25.63
N ALA A 204 -24.78 10.07 24.43
CA ALA A 204 -23.49 10.48 23.90
C ALA A 204 -23.53 11.98 23.62
N THR A 205 -22.38 12.62 23.84
CA THR A 205 -22.23 14.05 23.64
C THR A 205 -21.51 14.34 22.34
N PHE A 206 -21.99 15.36 21.61
CA PHE A 206 -21.40 15.72 20.34
C PHE A 206 -20.07 16.43 20.55
N ILE A 207 -19.11 16.13 19.69
CA ILE A 207 -17.76 16.70 19.75
C ILE A 207 -17.54 17.51 18.48
N PRO A 208 -17.58 18.85 18.52
CA PRO A 208 -17.34 19.62 17.28
C PRO A 208 -15.92 19.54 16.75
N ARG A 209 -14.93 19.37 17.62
CA ARG A 209 -13.56 19.48 17.16
C ARG A 209 -12.70 18.66 18.10
N ILE A 210 -11.76 17.90 17.54
CA ILE A 210 -10.92 17.03 18.36
C ILE A 210 -9.67 16.67 17.58
N SER A 211 -8.58 16.44 18.31
CA SER A 211 -7.37 15.94 17.69
C SER A 211 -7.34 14.44 17.74
N VAL A 212 -6.53 13.85 16.86
CA VAL A 212 -6.33 12.41 16.86
C VAL A 212 -5.84 11.93 18.21
N ASP A 213 -4.87 12.65 18.82
CA ASP A 213 -4.39 12.20 20.12
C ASP A 213 -5.52 12.22 21.14
N GLU A 214 -6.33 13.29 21.15
CA GLU A 214 -7.45 13.36 22.08
C GLU A 214 -8.45 12.23 21.84
N MET A 215 -8.69 11.88 20.57
CA MET A 215 -9.59 10.76 20.27
C MET A 215 -9.06 9.47 20.86
N LYS A 216 -7.76 9.22 20.72
CA LYS A 216 -7.21 7.97 21.24
C LYS A 216 -7.32 7.91 22.75
N ALA A 217 -6.97 9.02 23.41
CA ALA A 217 -7.09 9.08 24.87
C ALA A 217 -8.53 8.86 25.34
N LYS A 218 -9.51 9.29 24.54
CA LYS A 218 -10.91 9.09 24.91
C LYS A 218 -11.44 7.70 24.50
N GLY A 219 -10.61 6.78 24.03
CA GLY A 219 -11.13 5.51 23.59
C GLY A 219 -11.92 5.55 22.30
N LEU A 220 -11.82 6.64 21.53
CA LEU A 220 -12.54 6.77 20.27
C LEU A 220 -11.67 6.42 19.05
N HIS A 221 -10.59 5.66 19.25
CA HIS A 221 -9.70 5.30 18.15
C HIS A 221 -10.48 4.68 17.01
N ASP A 222 -11.39 3.76 17.31
CA ASP A 222 -12.21 3.06 16.31
C ASP A 222 -13.66 3.46 16.53
N SER A 223 -14.06 4.59 15.94
CA SER A 223 -15.42 5.08 16.07
C SER A 223 -15.99 5.45 14.71
N ILE A 224 -16.07 6.74 14.38
CA ILE A 224 -16.78 7.10 13.15
C ILE A 224 -15.90 6.99 11.90
N LEU A 225 -14.57 6.87 12.06
CA LEU A 225 -13.65 6.64 10.94
C LEU A 225 -12.91 5.32 11.12
N GLU A 226 -12.56 4.65 10.00
CA GLU A 226 -11.61 3.54 10.11
C GLU A 226 -10.42 3.97 10.97
N PHE A 227 -10.13 3.25 12.05
CA PHE A 227 -9.04 3.71 12.95
C PHE A 227 -7.70 3.89 12.23
N PRO A 228 -7.29 3.06 11.26
CA PRO A 228 -6.03 3.38 10.57
C PRO A 228 -6.02 4.76 9.94
N VAL A 229 -7.19 5.31 9.58
CA VAL A 229 -7.22 6.64 8.97
C VAL A 229 -6.65 7.68 9.92
N LEU A 230 -6.91 7.54 11.22
CA LEU A 230 -6.37 8.49 12.19
C LEU A 230 -4.86 8.50 12.19
N ASP A 231 -4.23 7.32 12.02
CA ASP A 231 -2.77 7.28 11.98
C ASP A 231 -2.24 7.86 10.68
N LEU A 232 -2.89 7.53 9.56
CA LEU A 232 -2.56 8.16 8.29
C LEU A 232 -2.66 9.67 8.40
N LEU A 233 -3.71 10.16 9.06
CA LEU A 233 -3.88 11.61 9.21
C LEU A 233 -2.71 12.22 9.97
N GLN A 234 -2.20 11.54 11.00
CA GLN A 234 -1.11 12.11 11.76
C GLN A 234 0.18 12.13 10.96
N SER A 235 0.32 11.23 9.99
CA SER A 235 1.48 11.18 9.11
C SER A 235 1.37 12.07 7.88
N ALA A 236 0.20 12.67 7.64
CA ALA A 236 -0.06 13.32 6.36
C ALA A 236 0.78 14.59 6.19
N GLN A 237 1.16 14.89 4.96
CA GLN A 237 1.87 16.13 4.67
C GLN A 237 0.94 17.26 4.28
N HIS A 238 -0.16 16.92 3.63
CA HIS A 238 -1.03 17.92 3.02
C HIS A 238 -2.37 18.07 3.70
N VAL A 239 -3.02 16.98 4.06
CA VAL A 239 -4.37 17.05 4.63
C VAL A 239 -4.21 16.76 6.11
N ARG A 240 -4.22 17.81 6.93
CA ARG A 240 -3.91 17.67 8.35
C ARG A 240 -5.15 17.79 9.22
N GLU A 241 -6.31 17.88 8.60
CA GLU A 241 -7.56 17.77 9.33
C GLU A 241 -8.59 17.23 8.36
N VAL A 242 -9.65 16.64 8.90
CA VAL A 242 -10.75 16.14 8.09
C VAL A 242 -12.03 16.58 8.76
N GLN A 243 -13.09 16.60 7.99
CA GLN A 243 -14.39 16.97 8.52
C GLN A 243 -15.35 15.82 8.27
N VAL A 244 -16.08 15.44 9.31
CA VAL A 244 -17.10 14.39 9.20
C VAL A 244 -18.47 15.06 9.32
N VAL A 245 -19.35 14.83 8.33
CA VAL A 245 -20.65 15.48 8.32
C VAL A 245 -21.72 14.45 8.03
N ASN A 246 -22.95 14.83 8.31
CA ASN A 246 -24.10 13.95 8.14
C ASN A 246 -24.68 14.23 6.76
N GLY A 247 -24.53 13.29 5.84
CA GLY A 247 -25.11 13.53 4.55
C GLY A 247 -26.60 13.36 4.47
N LEU A 248 -27.25 12.89 5.55
CA LEU A 248 -28.70 12.77 5.55
C LEU A 248 -29.38 14.09 5.88
N VAL A 249 -28.63 15.10 6.30
CA VAL A 249 -29.18 16.42 6.59
C VAL A 249 -29.12 17.24 5.32
N PRO A 250 -30.26 17.69 4.77
CA PRO A 250 -30.25 18.50 3.55
C PRO A 250 -29.27 19.66 3.63
N GLY A 251 -28.44 19.80 2.59
CA GLY A 251 -27.56 20.92 2.47
C GLY A 251 -26.32 20.86 3.32
N ASN A 252 -26.12 19.79 4.10
CA ASN A 252 -24.95 19.70 4.97
C ASN A 252 -23.64 19.70 4.20
N LEU A 253 -23.59 18.97 3.07
CA LEU A 253 -22.37 18.98 2.26
C LEU A 253 -22.14 20.36 1.66
N THR A 254 -23.20 20.99 1.14
CA THR A 254 -23.10 22.34 0.61
C THR A 254 -22.54 23.30 1.64
N ARG A 255 -23.05 23.23 2.86
CA ARG A 255 -22.61 24.15 3.90
C ARG A 255 -21.17 23.83 4.32
N ALA A 256 -20.81 22.56 4.41
CA ALA A 256 -19.42 22.23 4.70
C ALA A 256 -18.47 22.78 3.64
N LEU A 257 -18.85 22.68 2.36
CA LEU A 257 -18.04 23.21 1.27
C LEU A 257 -17.95 24.73 1.33
N ALA A 258 -18.98 25.38 1.88
CA ALA A 258 -18.98 26.84 2.10
C ALA A 258 -18.15 27.28 3.31
N GLY A 259 -17.47 26.38 4.01
CA GLY A 259 -16.73 26.78 5.18
C GLY A 259 -17.51 26.76 6.48
N GLU A 260 -18.73 26.24 6.51
CA GLU A 260 -19.49 26.21 7.76
C GLU A 260 -19.03 25.02 8.58
N HIS A 261 -18.95 25.19 9.91
CA HIS A 261 -18.41 24.12 10.73
C HIS A 261 -19.52 23.17 11.20
N VAL A 262 -20.14 22.54 10.24
CA VAL A 262 -21.11 21.52 10.59
C VAL A 262 -20.32 20.27 10.89
N GLY A 263 -20.86 19.41 11.70
CA GLY A 263 -20.12 18.18 11.91
C GLY A 263 -18.92 18.34 12.81
N THR A 264 -18.01 17.37 12.71
CA THR A 264 -16.83 17.30 13.55
C THR A 264 -15.58 17.50 12.69
N ILE A 265 -14.70 18.36 13.16
CA ILE A 265 -13.39 18.56 12.53
C ILE A 265 -12.40 17.77 13.36
N ILE A 266 -11.72 16.81 12.75
CA ILE A 266 -10.69 16.01 13.41
C ILE A 266 -9.36 16.49 12.87
N THR A 267 -8.46 16.88 13.77
CA THR A 267 -7.17 17.46 13.42
C THR A 267 -6.06 16.46 13.71
N ALA A 268 -5.03 16.48 12.86
CA ALA A 268 -3.86 15.61 13.10
C ALA A 268 -3.20 15.95 14.42
N SER A 269 -3.10 17.23 14.75
CA SER A 269 -2.52 17.61 16.03
C SER A 269 -3.37 18.67 16.72
N ARG B 32 -6.06 -19.27 12.13
CA ARG B 32 -5.39 -18.44 11.12
C ARG B 32 -5.95 -18.73 9.70
N PRO B 33 -5.76 -17.78 8.78
CA PRO B 33 -6.17 -18.01 7.39
C PRO B 33 -5.56 -19.28 6.84
N ILE B 34 -6.26 -19.88 5.86
CA ILE B 34 -5.68 -21.02 5.14
C ILE B 34 -4.48 -20.58 4.31
N ARG B 35 -3.66 -21.56 3.93
CA ARG B 35 -2.58 -21.32 2.99
C ARG B 35 -3.10 -21.55 1.57
N LEU B 36 -3.11 -20.51 0.76
CA LEU B 36 -3.62 -20.63 -0.61
C LEU B 36 -2.70 -21.50 -1.47
N LEU B 37 -1.38 -21.30 -1.38
CA LEU B 37 -0.39 -22.01 -2.20
C LEU B 37 0.70 -22.54 -1.29
N PRO B 38 0.43 -23.61 -0.53
CA PRO B 38 1.37 -24.00 0.51
C PRO B 38 2.65 -24.53 -0.07
N TRP B 39 2.65 -24.93 -1.34
CA TRP B 39 3.80 -25.56 -1.97
C TRP B 39 4.69 -24.56 -2.67
N LEU B 40 4.30 -23.27 -2.64
CA LEU B 40 5.02 -22.20 -3.34
C LEU B 40 6.28 -21.79 -2.60
N GLN B 41 7.34 -21.53 -3.36
CA GLN B 41 8.54 -20.91 -2.84
C GLN B 41 8.65 -19.55 -3.51
N VAL B 42 8.81 -18.49 -2.71
CA VAL B 42 8.92 -17.15 -3.28
C VAL B 42 10.36 -16.71 -3.13
N VAL B 43 10.92 -16.13 -4.19
CA VAL B 43 12.31 -15.72 -4.20
C VAL B 43 12.31 -14.26 -4.65
N LYS B 44 12.86 -13.38 -3.84
CA LYS B 44 12.90 -11.96 -4.22
C LYS B 44 14.35 -11.68 -4.62
N ILE B 45 14.53 -11.15 -5.83
CA ILE B 45 15.85 -10.80 -6.34
C ILE B 45 16.06 -9.29 -6.17
N GLY B 46 17.13 -8.91 -5.46
CA GLY B 46 17.37 -7.49 -5.21
C GLY B 46 17.58 -6.73 -6.50
N GLY B 47 16.96 -5.55 -6.59
CA GLY B 47 17.22 -4.70 -7.75
C GLY B 47 18.70 -4.40 -7.97
N ARG B 48 19.47 -4.27 -6.90
CA ARG B 48 20.89 -3.97 -7.02
C ARG B 48 21.71 -5.19 -7.44
N VAL B 49 21.19 -6.40 -7.23
CA VAL B 49 21.79 -7.56 -7.88
C VAL B 49 21.63 -7.46 -9.39
N MET B 50 20.39 -7.21 -9.86
CA MET B 50 20.15 -7.04 -11.30
C MET B 50 21.03 -5.94 -11.87
N ASP B 51 21.20 -4.83 -11.14
CA ASP B 51 22.03 -3.71 -11.60
C ASP B 51 23.45 -4.11 -11.94
N ARG B 52 23.96 -5.22 -11.39
CA ARG B 52 25.32 -5.64 -11.75
C ARG B 52 25.41 -6.22 -13.15
N GLY B 53 24.28 -6.46 -13.81
CA GLY B 53 24.35 -6.89 -15.18
C GLY B 53 24.72 -8.36 -15.29
N ALA B 54 25.12 -8.75 -16.51
CA ALA B 54 25.41 -10.13 -16.85
C ALA B 54 26.33 -10.83 -15.84
N ASP B 55 27.31 -10.10 -15.29
CA ASP B 55 28.26 -10.77 -14.39
C ASP B 55 27.56 -11.41 -13.20
N ALA B 56 26.49 -10.81 -12.72
CA ALA B 56 25.69 -11.37 -11.64
C ALA B 56 24.49 -12.15 -12.16
N ILE B 57 23.88 -11.67 -13.24
CA ILE B 57 22.61 -12.23 -13.68
C ILE B 57 22.82 -13.59 -14.34
N LEU B 58 23.89 -13.74 -15.13
CA LEU B 58 24.07 -15.03 -15.80
C LEU B 58 24.25 -16.18 -14.81
N PRO B 59 25.10 -16.09 -13.78
CA PRO B 59 25.18 -17.19 -12.80
C PRO B 59 23.87 -17.42 -12.10
N LEU B 60 23.16 -16.34 -11.75
CA LEU B 60 21.86 -16.48 -11.08
CA LEU B 60 21.89 -16.51 -11.07
C LEU B 60 20.86 -17.18 -11.98
N VAL B 61 20.85 -16.81 -13.26
CA VAL B 61 19.96 -17.47 -14.22
C VAL B 61 20.28 -18.96 -14.32
N GLU B 62 21.56 -19.31 -14.35
CA GLU B 62 21.90 -20.73 -14.41
C GLU B 62 21.50 -21.44 -13.12
N GLU B 63 21.65 -20.78 -11.97
CA GLU B 63 21.20 -21.41 -10.74
C GLU B 63 19.68 -21.55 -10.70
N LEU B 64 18.96 -20.52 -11.14
CA LEU B 64 17.50 -20.62 -11.25
C LEU B 64 17.10 -21.74 -12.18
N ARG B 65 17.77 -21.88 -13.33
CA ARG B 65 17.45 -22.95 -14.27
C ARG B 65 17.48 -24.29 -13.56
N LYS B 66 18.53 -24.53 -12.77
CA LYS B 66 18.68 -25.82 -12.10
C LYS B 66 17.67 -26.04 -10.99
N LEU B 67 17.08 -24.96 -10.47
CA LEU B 67 16.09 -25.02 -9.41
C LEU B 67 14.69 -25.28 -9.92
N LEU B 68 14.41 -24.94 -11.20
CA LEU B 68 13.08 -25.13 -11.77
C LEU B 68 12.53 -26.54 -11.55
N PRO B 69 13.28 -27.62 -11.74
CA PRO B 69 12.70 -28.96 -11.50
C PRO B 69 12.55 -29.30 -10.02
N GLU B 70 13.15 -28.52 -9.14
CA GLU B 70 13.10 -28.82 -7.72
C GLU B 70 12.01 -28.08 -6.97
N HIS B 71 11.60 -26.89 -7.42
CA HIS B 71 10.66 -26.08 -6.67
C HIS B 71 9.65 -25.47 -7.61
N ARG B 72 8.54 -25.02 -7.06
CA ARG B 72 7.58 -24.18 -7.77
C ARG B 72 7.84 -22.73 -7.35
N LEU B 73 8.31 -21.89 -8.27
CA LEU B 73 8.91 -20.63 -7.86
C LEU B 73 8.08 -19.44 -8.33
N LEU B 74 7.84 -18.49 -7.41
CA LEU B 74 7.45 -17.13 -7.79
C LEU B 74 8.69 -16.27 -7.54
N ILE B 75 9.26 -15.73 -8.61
CA ILE B 75 10.48 -14.95 -8.56
C ILE B 75 10.09 -13.49 -8.72
N LEU B 76 10.42 -12.66 -7.74
CA LEU B 76 10.00 -11.26 -7.75
C LEU B 76 11.23 -10.35 -7.72
N THR B 77 11.26 -9.33 -8.59
CA THR B 77 12.45 -8.50 -8.72
C THR B 77 12.20 -7.16 -8.04
N GLY B 78 13.21 -6.68 -7.31
CA GLY B 78 13.22 -5.30 -6.84
C GLY B 78 13.69 -4.33 -7.92
N ALA B 79 13.93 -3.09 -7.48
CA ALA B 79 14.05 -1.93 -8.36
C ALA B 79 15.50 -1.50 -8.60
N GLY B 80 16.28 -1.32 -7.53
CA GLY B 80 17.68 -0.99 -7.71
C GLY B 80 17.88 0.47 -8.07
N VAL B 81 19.03 0.76 -8.69
CA VAL B 81 19.53 2.14 -8.76
C VAL B 81 18.64 3.05 -9.61
N ARG B 82 17.99 2.52 -10.64
CA ARG B 82 17.15 3.40 -11.47
C ARG B 82 16.04 4.05 -10.67
N ALA B 83 15.50 3.36 -9.67
CA ALA B 83 14.49 3.99 -8.81
C ALA B 83 15.11 5.12 -7.99
N ARG B 84 16.40 5.04 -7.68
CA ARG B 84 17.03 6.17 -6.99
C ARG B 84 17.10 7.38 -7.91
N HIS B 85 17.37 7.14 -9.19
CA HIS B 85 17.39 8.25 -10.11
C HIS B 85 16.01 8.86 -10.26
N VAL B 86 14.97 8.04 -10.40
CA VAL B 86 13.67 8.69 -10.58
C VAL B 86 13.22 9.37 -9.27
N PHE B 87 13.65 8.85 -8.12
CA PHE B 87 13.43 9.59 -6.87
C PHE B 87 14.15 10.93 -6.90
N SER B 88 15.39 10.95 -7.42
CA SER B 88 16.13 12.21 -7.51
C SER B 88 15.37 13.25 -8.32
N VAL B 89 14.92 12.87 -9.51
CA VAL B 89 14.15 13.78 -10.37
C VAL B 89 12.81 14.13 -9.72
N GLY B 90 12.07 13.11 -9.28
CA GLY B 90 10.76 13.35 -8.70
C GLY B 90 10.80 14.24 -7.47
N LEU B 91 11.76 14.00 -6.56
CA LEU B 91 11.89 14.86 -5.40
C LEU B 91 12.29 16.27 -5.80
N ASP B 92 13.17 16.40 -6.79
CA ASP B 92 13.51 17.74 -7.25
C ASP B 92 12.28 18.48 -7.78
N LEU B 93 11.37 17.75 -8.42
CA LEU B 93 10.13 18.35 -8.91
C LEU B 93 9.09 18.53 -7.80
N GLY B 94 9.36 18.08 -6.58
CA GLY B 94 8.46 18.29 -5.48
C GLY B 94 7.43 17.20 -5.31
N LEU B 95 7.53 16.10 -6.05
CA LEU B 95 6.40 15.19 -6.13
C LEU B 95 6.24 14.40 -4.82
N PRO B 96 4.99 14.12 -4.44
CA PRO B 96 4.72 13.43 -3.18
C PRO B 96 5.05 11.93 -3.26
N VAL B 97 4.96 11.27 -2.10
CA VAL B 97 5.44 9.88 -2.03
C VAL B 97 4.51 8.97 -2.84
N GLY B 98 3.24 9.32 -2.94
CA GLY B 98 2.32 8.56 -3.79
C GLY B 98 2.63 8.72 -5.27
N SER B 99 3.38 9.76 -5.64
CA SER B 99 3.82 9.82 -7.02
C SER B 99 5.10 9.02 -7.24
N LEU B 100 5.99 8.99 -6.24
CA LEU B 100 7.26 8.27 -6.42
C LEU B 100 7.07 6.76 -6.39
N ALA B 101 6.08 6.27 -5.65
CA ALA B 101 5.97 4.82 -5.48
C ALA B 101 5.80 4.11 -6.82
N PRO B 102 4.88 4.50 -7.71
CA PRO B 102 4.76 3.75 -8.95
C PRO B 102 5.89 4.02 -9.89
N LEU B 103 6.58 5.15 -9.72
CA LEU B 103 7.76 5.37 -10.55
C LEU B 103 8.85 4.36 -10.20
N ALA B 104 8.99 4.04 -8.90
CA ALA B 104 9.96 3.04 -8.50
C ALA B 104 9.50 1.65 -8.90
N ALA B 105 8.21 1.38 -8.72
CA ALA B 105 7.70 0.05 -9.05
C ALA B 105 7.99 -0.27 -10.51
N SER B 106 7.95 0.75 -11.39
CA SER B 106 8.26 0.51 -12.80
CA SER B 106 8.28 0.53 -12.80
C SER B 106 9.63 -0.13 -12.98
N GLU B 107 10.63 0.30 -12.21
CA GLU B 107 11.98 -0.22 -12.38
C GLU B 107 12.03 -1.67 -11.96
N ALA B 108 11.29 -2.03 -10.92
CA ALA B 108 11.24 -3.44 -10.51
C ALA B 108 10.59 -4.29 -11.59
N GLY B 109 9.51 -3.78 -12.18
CA GLY B 109 8.89 -4.40 -13.34
C GLY B 109 9.85 -4.61 -14.49
N GLN B 110 10.67 -3.60 -14.81
CA GLN B 110 11.65 -3.75 -15.87
C GLN B 110 12.66 -4.82 -15.52
N ASN B 111 13.12 -4.85 -14.28
CA ASN B 111 14.01 -5.96 -13.87
C ASN B 111 13.34 -7.32 -14.04
N GLY B 112 12.05 -7.40 -13.73
CA GLY B 112 11.34 -8.67 -13.94
C GLY B 112 11.28 -9.07 -15.40
N HIS B 113 10.99 -8.11 -16.29
CA HIS B 113 11.02 -8.45 -17.72
C HIS B 113 12.39 -8.93 -18.17
N ILE B 114 13.45 -8.29 -17.68
CA ILE B 114 14.79 -8.71 -18.08
C ILE B 114 15.05 -10.15 -17.60
N LEU B 115 14.81 -10.39 -16.32
CA LEU B 115 15.11 -11.73 -15.79
C LEU B 115 14.26 -12.81 -16.46
N ALA B 116 12.96 -12.51 -16.69
CA ALA B 116 12.11 -13.50 -17.33
C ALA B 116 12.60 -13.80 -18.74
N ALA B 117 13.02 -12.78 -19.49
CA ALA B 117 13.53 -13.01 -20.84
C ALA B 117 14.68 -14.01 -20.83
N MET B 118 15.55 -13.92 -19.81
CA MET B 118 16.67 -14.86 -19.70
C MET B 118 16.22 -16.29 -19.42
N LEU B 119 15.04 -16.48 -18.84
CA LEU B 119 14.54 -17.83 -18.56
C LEU B 119 13.41 -18.25 -19.50
N ALA B 120 13.17 -17.46 -20.56
CA ALA B 120 12.08 -17.75 -21.49
C ALA B 120 12.22 -19.14 -22.09
N SER B 121 13.44 -19.55 -22.44
CA SER B 121 13.55 -20.86 -23.08
C SER B 121 13.22 -22.02 -22.14
N GLU B 122 13.16 -21.77 -20.84
CA GLU B 122 12.68 -22.74 -19.87
C GLU B 122 11.20 -22.62 -19.59
N GLY B 123 10.47 -21.78 -20.34
CA GLY B 123 9.04 -21.69 -20.14
C GLY B 123 8.64 -20.61 -19.16
N VAL B 124 9.54 -19.72 -18.77
CA VAL B 124 9.28 -18.73 -17.72
C VAL B 124 8.92 -17.40 -18.39
N SER B 125 7.86 -16.75 -17.89
CA SER B 125 7.51 -15.42 -18.39
C SER B 125 7.26 -14.48 -17.21
N TYR B 126 7.38 -13.17 -17.50
CA TYR B 126 6.92 -12.17 -16.56
C TYR B 126 5.39 -12.15 -16.55
N VAL B 127 4.79 -12.02 -15.36
CA VAL B 127 3.34 -11.88 -15.24
C VAL B 127 3.04 -10.61 -14.44
N GLU B 128 2.00 -9.91 -14.86
CA GLU B 128 1.59 -8.60 -14.27
C GLU B 128 1.00 -8.75 -12.87
N HIS B 129 0.90 -7.64 -12.16
CA HIS B 129 0.37 -7.74 -10.80
C HIS B 129 -1.03 -8.35 -10.73
N PRO B 130 -2.00 -7.98 -11.58
CA PRO B 130 -3.34 -8.56 -11.41
C PRO B 130 -3.35 -10.05 -11.63
N THR B 131 -2.44 -10.51 -12.48
CA THR B 131 -2.29 -11.93 -12.76
C THR B 131 -1.66 -12.67 -11.58
N VAL B 132 -0.64 -12.07 -10.99
CA VAL B 132 -0.05 -12.61 -9.76
C VAL B 132 -1.13 -12.67 -8.67
N ALA B 133 -1.95 -11.63 -8.58
CA ALA B 133 -2.90 -11.54 -7.48
C ALA B 133 -4.01 -12.57 -7.63
N ASP B 134 -4.48 -12.81 -8.85
CA ASP B 134 -5.69 -13.58 -9.04
C ASP B 134 -5.50 -14.88 -9.82
N GLN B 135 -4.41 -15.03 -10.58
CA GLN B 135 -4.25 -16.23 -11.43
C GLN B 135 -2.89 -16.92 -11.24
N LEU B 136 -2.27 -16.77 -10.09
CA LEU B 136 -0.96 -17.38 -9.97
C LEU B 136 -1.05 -18.88 -10.03
N ALA B 137 -2.12 -19.46 -9.47
CA ALA B 137 -2.21 -20.92 -9.40
C ALA B 137 -2.19 -21.54 -10.80
N ILE B 138 -2.97 -21.00 -11.74
CA ILE B 138 -2.99 -21.58 -13.08
C ILE B 138 -1.64 -21.37 -13.79
N HIS B 139 -1.00 -20.21 -13.58
CA HIS B 139 0.29 -20.00 -14.22
C HIS B 139 1.37 -20.94 -13.70
N LEU B 140 1.38 -21.24 -12.39
CA LEU B 140 2.35 -22.21 -11.89
C LEU B 140 1.94 -23.63 -12.18
N SER B 141 0.72 -23.84 -12.68
CA SER B 141 0.37 -25.14 -13.22
CA SER B 141 0.35 -25.13 -13.23
C SER B 141 0.90 -25.30 -14.63
N ALA B 142 0.98 -24.20 -15.38
CA ALA B 142 1.44 -24.24 -16.77
C ALA B 142 2.94 -24.41 -16.85
N THR B 143 3.66 -23.84 -15.90
CA THR B 143 5.10 -23.77 -16.00
C THR B 143 5.68 -23.79 -14.59
N ARG B 144 6.98 -24.11 -14.56
CA ARG B 144 7.63 -24.25 -13.21
CA ARG B 144 7.70 -24.21 -13.27
C ARG B 144 7.93 -22.94 -12.38
N ALA B 145 8.07 -21.83 -13.13
CA ALA B 145 8.30 -20.59 -12.39
C ALA B 145 7.74 -19.44 -13.21
N VAL B 146 7.31 -18.38 -12.51
CA VAL B 146 7.01 -17.10 -13.17
C VAL B 146 7.76 -15.99 -12.46
N VAL B 147 7.90 -14.87 -13.15
CA VAL B 147 8.60 -13.70 -12.62
C VAL B 147 7.56 -12.61 -12.51
N GLY B 148 7.59 -11.84 -11.41
CA GLY B 148 6.78 -10.64 -11.30
C GLY B 148 7.54 -9.54 -10.60
N SER B 149 6.89 -8.39 -10.49
CA SER B 149 7.48 -7.24 -9.80
C SER B 149 7.28 -7.40 -8.29
N ALA B 150 8.35 -7.20 -7.53
CA ALA B 150 8.22 -7.37 -6.07
C ALA B 150 7.52 -6.19 -5.44
N PHE B 151 7.48 -5.05 -6.09
CA PHE B 151 6.80 -3.90 -5.47
C PHE B 151 5.31 -4.17 -5.37
N PRO B 152 4.65 -3.74 -4.31
CA PRO B 152 3.21 -3.87 -4.23
C PRO B 152 2.54 -2.71 -4.93
N PRO B 153 1.32 -2.87 -5.44
CA PRO B 153 0.70 -1.77 -6.21
C PRO B 153 0.07 -0.71 -5.32
N TYR B 154 0.86 -0.11 -4.43
CA TYR B 154 0.29 0.91 -3.54
C TYR B 154 0.09 2.21 -4.30
N ALA B 155 1.00 2.52 -5.22
CA ALA B 155 0.81 3.56 -6.24
C ALA B 155 0.42 4.85 -5.53
N HIS B 156 -0.60 5.58 -5.99
CA HIS B 156 -0.89 6.84 -5.34
C HIS B 156 -1.58 6.68 -4.02
N HIS B 157 -1.77 5.44 -3.54
CA HIS B 157 -2.30 5.21 -2.19
C HIS B 157 -1.19 4.77 -1.25
N GLU B 158 0.06 5.06 -1.60
CA GLU B 158 1.15 4.82 -0.67
C GLU B 158 0.93 5.70 0.57
N PHE B 159 1.42 5.22 1.70
CA PHE B 159 1.23 5.91 2.97
C PHE B 159 2.09 7.17 3.01
N PRO B 160 1.63 8.25 3.63
CA PRO B 160 2.48 9.43 3.80
C PRO B 160 3.39 9.23 5.00
N GLY B 161 4.31 10.16 5.15
CA GLY B 161 5.16 10.17 6.32
C GLY B 161 6.57 10.42 5.84
N SER B 162 7.15 9.44 5.19
CA SER B 162 8.43 9.62 4.51
C SER B 162 8.20 10.12 3.08
N ARG B 163 9.14 10.89 2.56
CA ARG B 163 9.11 11.22 1.14
C ARG B 163 9.57 10.07 0.27
N ILE B 164 10.07 9.00 0.88
CA ILE B 164 10.51 7.80 0.16
C ILE B 164 9.44 6.73 0.32
N PRO B 165 8.94 6.14 -0.76
CA PRO B 165 7.89 5.13 -0.63
C PRO B 165 8.32 4.03 0.33
N PRO B 166 7.52 3.78 1.37
CA PRO B 166 7.91 2.78 2.37
C PRO B 166 7.69 1.34 1.95
N HIS B 167 6.63 1.04 1.17
CA HIS B 167 6.29 -0.37 0.87
C HIS B 167 6.98 -0.76 -0.44
N ARG B 168 8.22 -1.25 -0.35
CA ARG B 168 9.03 -1.48 -1.53
C ARG B 168 9.12 -3.00 -1.79
N ALA B 169 10.21 -3.42 -2.43
CA ALA B 169 10.27 -4.77 -3.02
C ALA B 169 10.26 -5.86 -1.94
N ASP B 170 11.10 -5.72 -0.89
CA ASP B 170 11.06 -6.70 0.18
C ASP B 170 9.67 -6.79 0.79
N THR B 171 9.06 -5.63 1.04
CA THR B 171 7.77 -5.60 1.71
C THR B 171 6.70 -6.22 0.83
N GLY B 172 6.67 -5.86 -0.47
CA GLY B 172 5.69 -6.47 -1.36
C GLY B 172 5.86 -7.98 -1.45
N ALA B 173 7.11 -8.44 -1.60
CA ALA B 173 7.34 -9.87 -1.72
C ALA B 173 6.88 -10.61 -0.48
N PHE B 174 7.15 -10.04 0.70
CA PHE B 174 6.71 -10.71 1.93
C PHE B 174 5.19 -10.70 2.05
N LEU B 175 4.55 -9.57 1.75
CA LEU B 175 3.09 -9.54 1.79
C LEU B 175 2.50 -10.64 0.93
N LEU B 176 3.03 -10.79 -0.28
CA LEU B 176 2.50 -11.83 -1.16
C LEU B 176 2.77 -13.21 -0.61
N ALA B 177 4.03 -13.46 -0.23
CA ALA B 177 4.41 -14.79 0.24
C ALA B 177 3.58 -15.18 1.46
N ASP B 178 3.37 -14.26 2.39
CA ASP B 178 2.59 -14.58 3.56
C ASP B 178 1.11 -14.70 3.22
N ALA B 179 0.59 -13.83 2.34
CA ALA B 179 -0.81 -13.95 1.94
C ALA B 179 -1.08 -15.31 1.30
N PHE B 180 -0.16 -15.77 0.47
CA PHE B 180 -0.30 -17.10 -0.15
C PHE B 180 -0.07 -18.24 0.84
N GLY B 181 0.55 -17.98 1.99
CA GLY B 181 0.90 -19.11 2.86
C GLY B 181 1.99 -19.97 2.26
N ALA B 182 2.86 -19.34 1.46
CA ALA B 182 3.93 -20.03 0.76
C ALA B 182 4.86 -20.71 1.74
N ALA B 183 5.57 -21.71 1.22
CA ALA B 183 6.53 -22.48 2.01
C ALA B 183 7.72 -21.62 2.41
N GLY B 184 8.00 -20.55 1.69
CA GLY B 184 9.09 -19.72 2.18
C GLY B 184 9.21 -18.47 1.32
N LEU B 185 9.98 -17.53 1.85
CA LEU B 185 10.42 -16.37 1.10
C LEU B 185 11.91 -16.26 1.31
N THR B 186 12.68 -16.23 0.22
CA THR B 186 14.12 -16.05 0.29
C THR B 186 14.46 -14.74 -0.41
N ILE B 187 15.25 -13.91 0.25
CA ILE B 187 15.60 -12.59 -0.27
C ILE B 187 17.05 -12.69 -0.73
N VAL B 188 17.26 -12.43 -2.01
CA VAL B 188 18.55 -12.62 -2.66
C VAL B 188 19.19 -11.24 -2.81
N GLU B 189 20.27 -11.00 -2.05
CA GLU B 189 20.89 -9.68 -1.84
C GLU B 189 22.23 -9.62 -2.54
N ASN B 190 22.83 -8.43 -2.57
CA ASN B 190 24.23 -8.30 -3.01
C ASN B 190 25.23 -8.31 -1.86
N VAL B 191 24.82 -8.73 -0.66
CA VAL B 191 25.69 -8.88 0.50
C VAL B 191 25.30 -10.18 1.18
N ASP B 192 26.12 -10.63 2.13
CA ASP B 192 25.93 -11.93 2.79
C ASP B 192 24.67 -11.99 3.62
N GLY B 193 24.14 -10.85 4.04
CA GLY B 193 23.00 -10.84 4.93
C GLY B 193 22.94 -9.48 5.61
N ILE B 194 22.39 -9.47 6.82
CA ILE B 194 22.27 -8.23 7.58
C ILE B 194 23.49 -8.12 8.49
N TYR B 195 24.10 -6.94 8.51
CA TYR B 195 25.17 -6.57 9.44
C TYR B 195 24.66 -5.51 10.43
N THR B 196 25.48 -5.25 11.46
CA THR B 196 25.20 -4.22 12.44
C THR B 196 25.40 -2.81 11.90
N ALA B 197 26.02 -2.68 10.74
CA ALA B 197 26.21 -1.40 10.06
C ALA B 197 26.23 -1.71 8.57
N ASP B 198 26.10 -0.69 7.75
CA ASP B 198 26.20 -0.88 6.31
C ASP B 198 27.59 -1.41 5.98
N PRO B 199 27.75 -2.64 5.49
CA PRO B 199 29.11 -3.13 5.19
C PRO B 199 29.73 -2.48 3.96
N ASN B 200 28.98 -1.64 3.24
CA ASN B 200 29.56 -0.80 2.19
C ASN B 200 29.53 0.69 2.54
N GLY B 201 29.14 1.05 3.76
CA GLY B 201 28.92 2.45 4.11
C GLY B 201 30.08 3.06 4.87
N PRO B 202 29.90 4.28 5.40
CA PRO B 202 31.00 4.94 6.14
C PRO B 202 31.49 4.14 7.33
N ASP B 203 30.61 3.41 8.00
CA ASP B 203 30.94 2.65 9.19
C ASP B 203 31.24 1.18 8.90
N ARG B 204 31.63 0.84 7.66
CA ARG B 204 31.89 -0.54 7.23
C ARG B 204 32.78 -1.30 8.22
N GLY B 205 33.70 -0.60 8.90
CA GLY B 205 34.66 -1.26 9.75
C GLY B 205 34.05 -1.86 11.01
N GLN B 206 32.98 -1.26 11.50
CA GLN B 206 32.24 -1.75 12.65
C GLN B 206 31.18 -2.80 12.31
N ALA B 207 31.01 -3.14 11.04
CA ALA B 207 29.85 -3.94 10.62
C ALA B 207 30.09 -5.41 10.92
N ARG B 208 29.29 -5.97 11.83
CA ARG B 208 29.37 -7.37 12.22
CA ARG B 208 29.39 -7.38 12.18
C ARG B 208 28.21 -8.15 11.58
N PHE B 209 28.51 -9.32 11.03
CA PHE B 209 27.48 -10.11 10.39
C PHE B 209 26.51 -10.68 11.42
N LEU B 210 25.22 -10.66 11.12
CA LEU B 210 24.20 -11.24 11.99
C LEU B 210 23.68 -12.52 11.34
N PRO B 211 24.13 -13.70 11.76
CA PRO B 211 23.60 -14.92 11.14
C PRO B 211 22.12 -15.11 11.39
N GLU B 212 21.60 -14.57 12.50
CA GLU B 212 20.20 -14.77 12.79
C GLU B 212 19.67 -13.58 13.59
N THR B 213 18.46 -13.17 13.30
CA THR B 213 17.89 -12.09 14.07
C THR B 213 16.38 -12.23 14.01
N SER B 214 15.71 -11.42 14.82
CA SER B 214 14.26 -11.36 14.76
C SER B 214 13.83 -10.01 14.19
N ALA B 215 12.68 -10.00 13.54
CA ALA B 215 12.15 -8.74 13.03
C ALA B 215 11.98 -7.71 14.14
N THR B 216 11.51 -8.15 15.32
CA THR B 216 11.31 -7.19 16.40
C THR B 216 12.62 -6.60 16.87
N ASP B 217 13.69 -7.39 16.90
CA ASP B 217 15.00 -6.85 17.29
C ASP B 217 15.50 -5.86 16.24
N LEU B 218 15.33 -6.20 14.97
CA LEU B 218 15.74 -5.28 13.91
C LEU B 218 14.93 -3.99 13.96
N ALA B 219 13.63 -4.10 14.24
CA ALA B 219 12.79 -2.91 14.24
C ALA B 219 13.17 -1.94 15.34
N LYS B 220 13.67 -2.44 16.46
CA LYS B 220 14.09 -1.58 17.57
C LYS B 220 15.43 -0.92 17.33
N SER B 221 16.18 -1.35 16.32
CA SER B 221 17.42 -0.69 15.98
C SER B 221 17.14 0.50 15.07
N GLU B 222 17.98 1.52 15.18
CA GLU B 222 18.06 2.54 14.16
C GLU B 222 19.33 2.30 13.36
N GLY B 223 19.32 2.76 12.13
CA GLY B 223 20.44 2.48 11.25
C GLY B 223 19.94 1.77 10.00
N PRO B 224 20.75 1.77 8.97
CA PRO B 224 20.31 1.20 7.69
C PRO B 224 20.30 -0.32 7.74
N LEU B 225 19.44 -0.90 6.92
CA LEU B 225 19.33 -2.33 6.72
C LEU B 225 19.35 -2.61 5.22
N PRO B 226 19.62 -3.85 4.81
CA PRO B 226 19.42 -4.20 3.40
C PRO B 226 17.99 -4.57 3.07
N VAL B 227 17.06 -4.50 4.03
CA VAL B 227 15.65 -4.80 3.76
C VAL B 227 14.83 -3.61 4.21
N ASP B 228 13.68 -3.43 3.56
CA ASP B 228 12.78 -2.31 3.93
C ASP B 228 12.49 -2.32 5.41
N ARG B 229 12.41 -1.14 6.02
CA ARG B 229 11.90 -1.13 7.39
C ARG B 229 10.46 -1.63 7.43
N ALA B 230 9.67 -1.32 6.39
CA ALA B 230 8.28 -1.79 6.38
C ALA B 230 8.21 -3.32 6.34
N LEU B 231 9.27 -3.99 5.89
CA LEU B 231 9.27 -5.45 5.93
C LEU B 231 9.10 -5.94 7.36
N LEU B 232 9.76 -5.27 8.31
CA LEU B 232 9.66 -5.67 9.72
C LEU B 232 8.25 -5.50 10.25
N ASP B 233 7.55 -4.46 9.80
CA ASP B 233 6.19 -4.21 10.25
C ASP B 233 5.22 -5.26 9.74
N VAL B 234 5.33 -5.64 8.45
CA VAL B 234 4.42 -6.65 7.96
C VAL B 234 4.81 -8.02 8.53
N MET B 235 6.06 -8.20 8.94
CA MET B 235 6.41 -9.46 9.62
C MET B 235 5.71 -9.55 10.96
N ALA B 236 5.47 -8.41 11.62
CA ALA B 236 4.82 -8.45 12.92
C ALA B 236 3.39 -8.93 12.80
N THR B 237 2.71 -8.66 11.67
CA THR B 237 1.34 -9.08 11.49
C THR B 237 1.24 -10.33 10.61
N ALA B 238 2.36 -10.99 10.33
CA ALA B 238 2.34 -12.14 9.42
C ALA B 238 1.53 -13.28 10.02
N ARG B 239 0.98 -14.12 9.14
N ARG B 239 1.02 -14.13 9.13
CA ARG B 239 0.17 -15.25 9.59
CA ARG B 239 0.18 -15.24 9.56
C ARG B 239 0.80 -16.61 9.34
C ARG B 239 0.84 -16.60 9.37
N HIS B 240 1.78 -16.71 8.44
CA HIS B 240 2.31 -18.01 8.06
C HIS B 240 3.83 -18.10 8.06
N ILE B 241 4.50 -17.16 7.39
CA ILE B 241 5.95 -17.26 7.19
C ILE B 241 6.65 -17.03 8.53
N GLU B 242 7.42 -18.03 8.97
CA GLU B 242 8.09 -17.99 10.27
C GLU B 242 9.50 -17.43 10.16
N ARG B 243 10.12 -17.55 8.99
CA ARG B 243 11.49 -17.08 8.84
C ARG B 243 11.69 -16.71 7.38
N VAL B 244 12.54 -15.72 7.18
CA VAL B 244 12.96 -15.26 5.87
C VAL B 244 14.48 -15.22 5.89
N GLN B 245 15.12 -15.85 4.92
CA GLN B 245 16.57 -15.79 4.85
C GLN B 245 17.01 -14.78 3.80
N VAL B 246 17.98 -13.93 4.17
CA VAL B 246 18.63 -13.04 3.24
C VAL B 246 19.97 -13.66 2.89
N VAL B 247 20.18 -13.94 1.61
CA VAL B 247 21.39 -14.64 1.18
C VAL B 247 22.04 -13.86 0.05
N ASN B 248 23.32 -14.14 -0.15
CA ASN B 248 24.10 -13.43 -1.14
C ASN B 248 23.92 -14.09 -2.48
N GLY B 249 23.14 -13.46 -3.36
CA GLY B 249 22.99 -13.99 -4.69
C GLY B 249 24.23 -13.89 -5.53
N LEU B 250 25.26 -13.22 -5.05
CA LEU B 250 26.49 -13.16 -5.81
C LEU B 250 27.34 -14.39 -5.57
N VAL B 251 26.93 -15.28 -4.67
CA VAL B 251 27.66 -16.51 -4.39
C VAL B 251 26.80 -17.66 -4.91
N PRO B 252 27.17 -18.26 -6.05
CA PRO B 252 26.38 -19.35 -6.62
C PRO B 252 26.20 -20.48 -5.60
N GLY B 253 25.00 -21.00 -5.54
CA GLY B 253 24.71 -22.08 -4.63
C GLY B 253 24.03 -21.64 -3.36
N ARG B 254 24.14 -20.36 -2.97
CA ARG B 254 23.50 -19.96 -1.72
C ARG B 254 21.99 -19.94 -1.84
N LEU B 255 21.45 -19.48 -2.97
CA LEU B 255 20.01 -19.53 -3.17
C LEU B 255 19.51 -20.97 -3.12
N THR B 256 20.21 -21.88 -3.82
CA THR B 256 19.81 -23.29 -3.82
C THR B 256 19.81 -23.85 -2.39
N ALA B 257 20.86 -23.54 -1.62
CA ALA B 257 20.95 -24.07 -0.26
C ALA B 257 19.84 -23.46 0.60
N ALA B 258 19.59 -22.15 0.43
CA ALA B 258 18.56 -21.47 1.19
C ALA B 258 17.18 -22.07 0.93
N LEU B 259 16.89 -22.37 -0.32
CA LEU B 259 15.59 -22.95 -0.62
C LEU B 259 15.43 -24.35 -0.04
N ARG B 260 16.53 -25.00 0.38
CA ARG B 260 16.48 -26.27 1.10
C ARG B 260 16.58 -26.07 2.61
N GLY B 261 16.46 -24.83 3.08
CA GLY B 261 16.52 -24.55 4.49
C GLY B 261 17.90 -24.49 5.07
N GLU B 262 18.96 -24.61 4.27
CA GLU B 262 20.31 -24.53 4.84
C GLU B 262 20.64 -23.08 5.17
N HIS B 263 21.41 -22.89 6.23
CA HIS B 263 21.64 -21.56 6.82
C HIS B 263 22.91 -21.00 6.22
N VAL B 264 22.78 -20.19 5.17
CA VAL B 264 23.91 -19.63 4.44
C VAL B 264 23.88 -18.11 4.39
N GLY B 265 22.93 -17.49 5.06
CA GLY B 265 22.82 -16.03 5.14
C GLY B 265 22.26 -15.66 6.50
N THR B 266 21.56 -14.52 6.56
CA THR B 266 20.87 -14.07 7.76
C THR B 266 19.44 -14.59 7.76
N LEU B 267 19.08 -15.32 8.81
CA LEU B 267 17.70 -15.73 9.04
C LEU B 267 17.02 -14.62 9.83
N ILE B 268 15.88 -14.14 9.32
CA ILE B 268 15.01 -13.22 10.07
C ILE B 268 13.82 -13.99 10.58
N ARG B 269 13.67 -14.09 11.91
CA ARG B 269 12.50 -14.72 12.51
C ARG B 269 11.37 -13.70 12.50
N THR B 270 10.24 -14.08 11.94
CA THR B 270 9.16 -13.11 11.82
C THR B 270 8.35 -12.98 13.09
N GLY B 271 8.43 -13.92 14.02
CA GLY B 271 7.47 -13.89 15.10
C GLY B 271 6.14 -14.57 14.83
N VAL B 272 5.97 -15.22 13.70
CA VAL B 272 4.95 -16.27 13.61
C VAL B 272 5.47 -17.48 14.37
N ARG B 273 4.62 -18.04 15.22
CA ARG B 273 5.09 -19.21 15.97
C ARG B 273 4.73 -20.52 15.25
N PRO B 274 5.62 -21.50 15.26
CA PRO B 274 5.30 -22.80 14.65
C PRO B 274 4.24 -23.54 15.46
N ALA B 275 3.70 -24.60 14.86
CA ALA B 275 2.70 -25.43 15.54
C ALA B 275 3.32 -26.09 16.77
PG ATP C . -18.66 2.13 4.44
O1G ATP C . -18.47 3.24 3.47
O2G ATP C . -19.96 1.41 4.27
O3G ATP C . -17.44 1.29 4.74
PB ATP C . -19.41 4.32 6.09
O1B ATP C . -18.32 5.29 5.70
O2B ATP C . -20.76 4.41 5.48
O3B ATP C . -18.86 2.83 5.87
PA ATP C . -19.58 3.47 8.81
O1A ATP C . -21.04 3.07 9.01
O2A ATP C . -18.52 2.43 8.57
O3A ATP C . -19.65 4.51 7.62
O5' ATP C . -19.10 4.44 9.99
C5' ATP C . -20.01 5.43 10.48
C4' ATP C . -20.67 4.79 11.69
O4' ATP C . -19.79 4.77 12.82
C3' ATP C . -21.91 5.51 12.18
O3' ATP C . -23.08 5.05 11.48
C2' ATP C . -21.96 5.19 13.68
O2' ATP C . -22.98 4.25 14.01
C1' ATP C . -20.59 4.57 13.97
N9 ATP C . -19.95 5.15 15.16
C8 ATP C . -19.25 4.42 16.05
N7 ATP C . -18.78 5.19 17.06
C5 ATP C . -19.19 6.46 16.81
C6 ATP C . -19.00 7.75 17.50
N6 ATP C . -18.31 7.78 18.66
N1 ATP C . -19.57 8.84 16.94
C2 ATP C . -20.28 8.79 15.78
N3 ATP C . -20.48 7.62 15.11
C4 ATP C . -19.96 6.45 15.56
O11 FUQ D . 2.42 5.26 -11.93
O12 FUQ D . 3.30 6.72 -13.73
O13 FUQ D . 2.17 7.79 -11.66
O14 FUQ D . 1.73 5.05 -14.09
O15 FUQ D . 0.71 7.39 -14.03
O21 FUQ D . -1.33 2.83 -10.73
O22 FUQ D . 0.68 4.24 -10.26
O23 FUQ D . -1.01 5.21 -9.58
O24 FUQ D . 0.43 3.42 -12.43
O25 FUQ D . 0.15 5.82 -12.09
O31 FUQ D . -5.25 5.08 -13.44
O32 FUQ D . -3.99 3.42 -11.64
O33 FUQ D . -3.55 3.10 -14.21
O34 FUQ D . -3.79 5.78 -12.07
O35 FUQ D . -1.80 5.07 -12.47
O41 FUQ D . 2.02 7.91 -16.44
O42 FUQ D . -0.40 7.95 -17.38
O43 FUQ D . 0.66 5.84 -16.38
O44 FUQ D . -0.06 9.44 -15.49
O45 FUQ D . -1.33 7.02 -15.35
O51 FUQ D . -2.97 7.58 -17.47
O52 FUQ D . -4.52 5.68 -16.13
O53 FUQ D . -1.95 5.09 -16.90
O54 FUQ D . -3.49 7.96 -14.97
O55 FUQ D . -2.67 5.65 -14.30
MO1 FUQ D . 1.58 6.43 -12.80
MO2 FUQ D . -0.63 4.51 -11.28
MO3 FUQ D . -3.59 4.55 -12.98
MO4 FUQ D . 0.28 7.60 -15.76
MO5 FUQ D . -2.88 6.45 -15.94
O11 FUQ E . -10.86 -5.67 -6.98
O12 FUQ E . -12.83 -5.49 -9.14
O13 FUQ E . -10.29 -6.10 -9.73
O14 FUQ E . -12.23 -3.33 -7.64
O15 FUQ E . -11.08 -3.54 -9.97
O21 FUQ E . -9.02 -1.35 -5.53
O22 FUQ E . -8.79 -3.85 -5.80
O23 FUQ E . -6.93 -2.96 -6.76
O24 FUQ E . -10.26 -2.43 -7.03
O25 FUQ E . -9.44 -3.86 -8.30
O31 FUQ E . -6.28 0.79 -9.48
O32 FUQ E . -6.49 -1.09 -7.82
O33 FUQ E . -8.56 0.84 -7.89
O34 FUQ E . -7.14 -1.59 -10.12
O35 FUQ E . -8.65 -1.52 -8.40
O41 FUQ E . -12.16 -5.06 -11.95
O42 FUQ E . -11.24 -3.04 -13.51
O43 FUQ E . -13.05 -2.63 -11.43
O44 FUQ E . -9.53 -3.99 -11.74
O45 FUQ E . -10.82 -1.66 -11.52
O51 FUQ E . -10.38 0.11 -13.53
O52 FUQ E . -8.18 0.80 -12.31
O53 FUQ E . -10.74 1.11 -11.34
O54 FUQ E . -8.40 -1.75 -12.80
O55 FUQ E . -8.97 -0.32 -10.16
MO1 FUQ E . -11.14 -4.61 -8.52
MO2 FUQ E . -8.59 -2.60 -7.05
MO3 FUQ E . -7.68 -0.37 -9.05
MO4 FUQ E . -11.33 -3.37 -11.74
MO5 FUQ E . -9.56 -0.28 -11.86
P PO4 F . -10.37 24.93 10.84
O1 PO4 F . -11.28 25.80 11.68
O2 PO4 F . -9.45 25.82 10.03
O3 PO4 F . -11.22 24.07 9.91
O4 PO4 F . -9.53 24.02 11.71
PG ATP G . 15.55 -3.29 -3.99
O1G ATP G . 15.19 -2.29 -5.02
O2G ATP G . 15.30 -4.73 -4.46
O3G ATP G . 15.07 -2.99 -2.60
PB ATP G . 18.21 -4.21 -3.20
O1B ATP G . 17.55 -4.91 -2.06
O2B ATP G . 18.93 -4.94 -4.29
O3B ATP G . 17.16 -3.21 -3.95
PA ATP G . 19.32 -2.42 -1.28
O1A ATP G . 18.77 -1.05 -1.49
O2A ATP G . 18.81 -3.29 -0.16
O3A ATP G . 19.32 -3.18 -2.69
O5' ATP G . 20.86 -2.25 -1.05
C5' ATP G . 21.63 -3.35 -0.59
C4' ATP G . 22.72 -2.66 0.18
O4' ATP G . 22.19 -2.31 1.45
C3' ATP G . 23.92 -3.51 0.59
O3' ATP G . 24.81 -3.68 -0.50
C2' ATP G . 24.50 -2.65 1.71
O2' ATP G . 25.50 -1.75 1.23
C1' ATP G . 23.32 -1.83 2.19
N9 ATP G . 23.11 -1.95 3.65
C8 ATP G . 22.75 -0.89 4.41
N7 ATP G . 22.63 -1.28 5.70
C5 ATP G . 22.96 -2.59 5.76
C6 ATP G . 23.06 -3.58 6.84
N6 ATP G . 22.75 -3.19 8.10
N1 ATP G . 23.43 -4.85 6.52
C2 ATP G . 23.70 -5.20 5.24
N3 ATP G . 23.64 -4.35 4.20
C4 ATP G . 23.26 -3.04 4.41
MG MG H . 17.67 -5.03 -0.08
O1 8M0 I . 6.82 -4.15 -15.68
MO1 8M0 I . 5.61 -2.98 -15.00
O2 8M0 I . 6.44 -1.35 -15.13
MO2 8M0 I . 4.80 -2.11 -11.91
O3 8M0 I . 4.29 -2.66 -16.37
MO3 8M0 I . 3.22 -4.30 -16.77
O4 8M0 I . 4.02 -4.61 -14.80
MO4 8M0 I . 2.85 -4.31 -13.34
O5 8M0 I . 3.87 -2.23 -13.90
MO5 8M0 I . 1.86 -0.93 -9.92
O6 8M0 I . 5.54 -0.56 -12.06
MO6 8M0 I . 0.09 -3.51 -14.74
O7 8M0 I . 3.81 -3.98 -11.79
MO7 8M0 I . -0.48 -2.50 -11.54
O8 8M0 I . 5.36 -2.78 -10.39
MO8 8M0 I . 2.18 -1.03 -13.26
O9 8M0 I . 2.11 -3.67 -18.12
O10 8M0 I . 4.31 -5.19 -17.61
O11 8M0 I . 1.21 -3.14 -12.78
O12 8M0 I . 1.98 -5.87 -13.17
O13 8M0 I . 2.90 -1.62 -8.63
O14 8M0 I . 1.01 -2.59 -10.27
O15 8M0 I . 2.73 0.82 -10.31
O16 8M0 I . 0.88 -0.83 -11.90
O17 8M0 I . -1.10 -2.52 -13.46
O18 8M0 I . -0.56 -2.77 -16.22
O19 8M0 I . -0.75 -5.14 -14.77
O20 8M0 I . 1.23 -1.55 -14.86
O21 8M0 I . -0.98 -4.19 -11.26
O22 8M0 I . 2.87 0.57 -13.36
O23 8M0 I . -1.85 -1.41 -10.86
O24 8M0 I . 5.92 -3.18 -13.12
O25 8M0 I . 2.95 -1.79 -11.46
O26 8M0 I . 1.95 -3.60 -15.22
O28 8M0 I . 0.46 -0.06 -9.12
MO MOO J . -1.29 -15.38 -18.52
O1 MOO J . -0.67 -13.82 -17.94
O2 MOO J . -3.13 -15.02 -17.68
O3 MOO J . 0.14 -16.32 -18.92
O4 MOO J . -2.58 -17.24 -19.20
MO MO K . -3.50 -7.17 -19.92
MO MO L . -3.64 -8.36 -16.94
#